data_4ESA
#
_entry.id   4ESA
#
_cell.length_a   58.175
_cell.length_b   88.075
_cell.length_c   123.194
_cell.angle_alpha   90.00
_cell.angle_beta   90.00
_cell.angle_gamma   90.00
#
_symmetry.space_group_name_H-M   'P 21 21 21'
#
loop_
_entity.id
_entity.type
_entity.pdbx_description
1 polymer 'Hemoglobin alpha chain'
2 polymer 'Hemoglobin beta chain'
3 non-polymer 'CARBON MONOXIDE'
4 non-polymer 'PROTOPORPHYRIN IX CONTAINING FE'
5 non-polymer GLYCEROL
6 water water
#
loop_
_entity_poly.entity_id
_entity_poly.type
_entity_poly.pdbx_seq_one_letter_code
_entity_poly.pdbx_strand_id
1 'polypeptide(L)'
;(ACE)SLSDKDKAAVKLLWSKISKSSDAIGNDALSRMIVVYPQTKTYFAHWPDLSPGSPHVKAHGKTVMGGIALAVSKID
DLRAGLLDLSEQHAYKLRVDPANFKILSHCILVVISMMFPKEFTPEAHVSLDKFLSGVSLALSERYR
;
A,C
2 'polypeptide(L)'
;VEWTDQERATISSIFGSLDYDDIGPKALSRCLIVYPWTQRHFGSFGNLYNAEAIIGNQKVAAHGIKVLHGLDRAVKNMDN
IKEIYAELSILHSEKLHVDPDNFKLLADCLTIVVAAKMGSGFNPGTQATFQKFLAVVVSALGKQYH
;
B,D
#
# COMPACT_ATOMS: atom_id res chain seq x y z
N SER A 2 15.13 -4.87 -7.76
CA SER A 2 15.95 -6.07 -7.93
C SER A 2 17.05 -6.11 -6.87
N LEU A 3 17.51 -7.32 -6.56
CA LEU A 3 18.59 -7.52 -5.60
C LEU A 3 19.96 -7.37 -6.22
N SER A 4 20.80 -6.56 -5.63
CA SER A 4 22.17 -6.46 -6.14
C SER A 4 23.03 -7.58 -5.56
N ASP A 5 24.22 -7.72 -6.14
CA ASP A 5 25.19 -8.64 -5.54
C ASP A 5 25.38 -8.35 -4.06
N LYS A 6 25.39 -7.07 -3.66
CA LYS A 6 25.50 -6.70 -2.26
C LYS A 6 24.32 -7.22 -1.45
N ASP A 7 23.11 -7.02 -1.94
CA ASP A 7 21.94 -7.52 -1.23
C ASP A 7 22.00 -9.03 -1.10
N LYS A 8 22.36 -9.69 -2.20
CA LYS A 8 22.35 -11.16 -2.20
C LYS A 8 23.38 -11.71 -1.24
N ALA A 9 24.55 -11.07 -1.21
CA ALA A 9 25.56 -11.52 -0.22
C ALA A 9 25.03 -11.35 1.20
N ALA A 10 24.42 -10.21 1.49
CA ALA A 10 23.85 -9.86 2.78
C ALA A 10 22.80 -10.89 3.21
N VAL A 11 21.93 -11.26 2.26
CA VAL A 11 20.87 -12.19 2.63
C VAL A 11 21.43 -13.58 2.84
N LYS A 12 22.31 -14.00 1.93
CA LYS A 12 22.95 -15.31 2.12
C LYS A 12 23.68 -15.38 3.44
N LEU A 13 24.40 -14.32 3.79
CA LEU A 13 25.14 -14.26 5.05
C LEU A 13 24.22 -14.33 6.26
N LEU A 14 23.21 -13.46 6.31
CA LEU A 14 22.28 -13.54 7.45
C LEU A 14 21.61 -14.90 7.53
N TRP A 15 21.12 -15.42 6.41
CA TRP A 15 20.45 -16.72 6.50
C TRP A 15 21.39 -17.80 7.02
N SER A 16 22.64 -17.74 6.59
CA SER A 16 23.58 -18.78 7.04
C SER A 16 23.76 -18.69 8.55
N LYS A 17 23.52 -17.51 9.14
CA LYS A 17 23.71 -17.41 10.59
C LYS A 17 22.46 -17.76 11.39
N ILE A 18 21.29 -17.56 10.78
CA ILE A 18 20.07 -17.78 11.54
C ILE A 18 19.32 -19.05 11.16
N SER A 19 19.66 -19.74 10.09
CA SER A 19 18.84 -20.85 9.62
C SER A 19 18.76 -21.99 10.64
N LYS A 20 19.75 -22.12 11.52
CA LYS A 20 19.67 -23.18 12.52
C LYS A 20 18.51 -22.96 13.48
N SER A 21 17.98 -21.74 13.58
CA SER A 21 16.86 -21.46 14.48
C SER A 21 15.57 -21.25 13.68
N SER A 22 15.58 -21.74 12.43
CA SER A 22 14.46 -21.41 11.55
C SER A 22 13.15 -21.93 12.14
N ASP A 23 13.15 -23.10 12.78
CA ASP A 23 11.88 -23.59 13.32
C ASP A 23 11.29 -22.59 14.28
N ALA A 24 12.16 -22.08 15.16
CA ALA A 24 11.63 -21.14 16.14
C ALA A 24 11.27 -19.80 15.50
N ILE A 25 12.06 -19.33 14.55
CA ILE A 25 11.72 -18.07 13.88
C ILE A 25 10.34 -18.17 13.26
N GLY A 26 10.08 -19.25 12.53
CA GLY A 26 8.79 -19.43 11.88
C GLY A 26 7.63 -19.52 12.84
N ASN A 27 7.77 -20.25 13.95
CA ASN A 27 6.68 -20.33 14.93
C ASN A 27 6.42 -18.96 15.53
N ASP A 28 7.47 -18.27 15.91
CA ASP A 28 7.32 -16.93 16.49
C ASP A 28 6.67 -15.96 15.50
N ALA A 29 7.12 -16.00 14.25
CA ALA A 29 6.62 -15.08 13.24
C ALA A 29 5.15 -15.34 12.91
N LEU A 30 4.79 -16.59 12.69
CA LEU A 30 3.40 -16.97 12.39
C LEU A 30 2.51 -16.68 13.58
N SER A 31 3.02 -17.01 14.77
CA SER A 31 2.30 -16.69 16.00
C SER A 31 2.02 -15.19 16.10
N ARG A 32 3.01 -14.37 15.79
CA ARG A 32 2.78 -12.93 15.87
C ARG A 32 1.82 -12.44 14.82
N MET A 33 1.88 -13.07 13.64
CA MET A 33 0.95 -12.59 12.61
C MET A 33 -0.48 -12.79 13.11
N ILE A 34 -0.77 -13.97 13.64
CA ILE A 34 -2.19 -14.20 13.95
C ILE A 34 -2.69 -13.50 15.20
N VAL A 35 -1.81 -13.14 16.13
CA VAL A 35 -2.23 -12.38 17.31
C VAL A 35 -2.20 -10.87 17.10
N VAL A 36 -1.14 -10.39 16.46
CA VAL A 36 -0.93 -8.95 16.30
C VAL A 36 -1.79 -8.43 15.17
N TYR A 37 -2.11 -9.30 14.20
CA TYR A 37 -2.92 -8.89 13.03
C TYR A 37 -4.03 -9.93 12.87
N PRO A 38 -4.99 -9.94 13.78
CA PRO A 38 -5.92 -11.08 13.85
C PRO A 38 -6.86 -11.19 12.68
N GLN A 39 -6.93 -10.23 11.77
CA GLN A 39 -7.63 -10.40 10.50
C GLN A 39 -7.04 -11.58 9.73
N THR A 40 -5.78 -11.97 10.00
CA THR A 40 -5.19 -13.06 9.25
C THR A 40 -5.63 -14.41 9.79
N LYS A 41 -6.30 -14.46 10.94
CA LYS A 41 -6.67 -15.75 11.53
C LYS A 41 -7.57 -16.60 10.64
N THR A 42 -8.42 -15.88 9.89
CA THR A 42 -9.41 -16.61 9.10
C THR A 42 -8.76 -17.52 8.07
N TYR A 43 -7.53 -17.26 7.64
CA TYR A 43 -6.85 -18.06 6.65
C TYR A 43 -6.53 -19.47 7.20
N PHE A 44 -6.51 -19.60 8.52
CA PHE A 44 -6.09 -20.88 9.13
C PHE A 44 -7.20 -21.48 9.97
N ALA A 45 -8.41 -20.95 9.88
CA ALA A 45 -9.52 -21.36 10.71
C ALA A 45 -9.91 -22.82 10.48
N HIS A 46 -9.41 -23.43 9.42
CA HIS A 46 -9.69 -24.85 9.19
C HIS A 46 -8.83 -25.75 10.05
N TRP A 47 -7.87 -25.21 10.78
CA TRP A 47 -7.13 -26.02 11.75
C TRP A 47 -7.82 -25.99 13.09
N PRO A 48 -7.61 -27.04 13.85
CA PRO A 48 -8.40 -27.18 15.08
C PRO A 48 -7.96 -26.29 16.23
N ASP A 49 -6.77 -25.70 16.13
CA ASP A 49 -6.22 -24.90 17.23
C ASP A 49 -5.30 -23.83 16.61
N LEU A 50 -5.56 -22.61 17.02
CA LEU A 50 -4.83 -21.41 16.60
C LEU A 50 -4.24 -20.69 17.81
N SER A 51 -4.61 -21.17 19.01
CA SER A 51 -4.12 -20.56 20.25
C SER A 51 -2.60 -20.52 20.30
N PRO A 52 -2.09 -19.65 21.19
CA PRO A 52 -0.65 -19.61 21.49
C PRO A 52 -0.11 -21.01 21.73
N GLY A 53 1.09 -21.30 21.23
CA GLY A 53 1.57 -22.67 21.41
C GLY A 53 0.85 -23.72 20.59
N SER A 54 -0.05 -23.36 19.69
CA SER A 54 -0.65 -24.37 18.81
C SER A 54 0.36 -25.22 18.06
N PRO A 55 0.15 -26.53 18.09
CA PRO A 55 1.00 -27.44 17.34
C PRO A 55 0.95 -27.22 15.83
N HIS A 56 -0.27 -26.82 15.40
CA HIS A 56 -0.46 -26.55 13.98
C HIS A 56 0.30 -25.29 13.58
N VAL A 57 0.32 -24.30 14.46
CA VAL A 57 1.07 -23.06 14.19
C VAL A 57 2.56 -23.39 14.18
N LYS A 58 3.02 -24.22 15.10
CA LYS A 58 4.44 -24.57 15.16
C LYS A 58 4.88 -25.33 13.92
N ALA A 59 4.05 -26.25 13.50
CA ALA A 59 4.37 -27.05 12.33
C ALA A 59 4.40 -26.19 11.07
N HIS A 60 3.41 -25.32 10.97
CA HIS A 60 3.34 -24.49 9.76
C HIS A 60 4.44 -23.43 9.76
N GLY A 61 4.84 -22.96 10.93
CA GLY A 61 5.99 -22.05 10.98
C GLY A 61 7.24 -22.69 10.42
N LYS A 62 7.38 -23.99 10.67
CA LYS A 62 8.51 -24.69 10.05
C LYS A 62 8.33 -24.71 8.54
N THR A 63 7.13 -24.98 8.07
CA THR A 63 6.86 -25.01 6.63
C THR A 63 7.16 -23.67 5.95
N VAL A 64 6.67 -22.61 6.60
CA VAL A 64 6.94 -21.30 6.01
C VAL A 64 8.43 -21.01 5.91
N MET A 65 9.18 -21.24 6.98
CA MET A 65 10.62 -20.99 6.85
C MET A 65 11.28 -21.97 5.89
N GLY A 66 10.70 -23.14 5.61
CA GLY A 66 11.21 -23.97 4.50
C GLY A 66 11.03 -23.25 3.16
N GLY A 67 9.94 -22.50 3.04
CA GLY A 67 9.71 -21.67 1.85
C GLY A 67 10.73 -20.55 1.75
N ILE A 68 11.08 -19.92 2.87
CA ILE A 68 12.16 -18.94 2.89
C ILE A 68 13.49 -19.57 2.51
N ALA A 69 13.78 -20.77 3.03
CA ALA A 69 15.02 -21.43 2.64
C ALA A 69 15.08 -21.72 1.14
N LEU A 70 13.97 -22.12 0.56
CA LEU A 70 13.86 -22.30 -0.89
C LEU A 70 14.12 -20.99 -1.61
N ALA A 71 13.47 -19.92 -1.13
CA ALA A 71 13.72 -18.60 -1.74
C ALA A 71 15.19 -18.17 -1.66
N VAL A 72 15.85 -18.45 -0.52
CA VAL A 72 17.26 -18.06 -0.46
C VAL A 72 18.02 -18.85 -1.52
N SER A 73 17.73 -20.15 -1.70
CA SER A 73 18.50 -20.87 -2.71
C SER A 73 18.18 -20.40 -4.11
N LYS A 74 16.96 -19.92 -4.35
CA LYS A 74 16.50 -19.40 -5.63
C LYS A 74 16.57 -17.89 -5.69
N ILE A 75 17.45 -17.29 -4.91
CA ILE A 75 17.52 -15.83 -4.85
C ILE A 75 17.84 -15.17 -6.18
N ASP A 76 18.42 -15.90 -7.13
CA ASP A 76 18.73 -15.34 -8.45
C ASP A 76 17.51 -15.39 -9.37
N ASP A 77 16.44 -16.11 -9.02
CA ASP A 77 15.23 -16.08 -9.84
C ASP A 77 14.05 -16.51 -8.99
N LEU A 78 13.58 -15.53 -8.21
CA LEU A 78 12.50 -15.86 -7.28
C LEU A 78 11.17 -16.19 -7.94
N ARG A 79 10.86 -15.44 -9.00
CA ARG A 79 9.59 -15.74 -9.70
C ARG A 79 9.48 -17.20 -10.08
N ALA A 80 10.46 -17.75 -10.81
CA ALA A 80 10.45 -19.16 -11.15
C ALA A 80 10.57 -20.07 -9.93
N GLY A 81 11.46 -19.68 -9.00
CA GLY A 81 11.67 -20.56 -7.86
C GLY A 81 10.40 -20.74 -7.07
N LEU A 82 9.55 -19.68 -7.02
CA LEU A 82 8.41 -19.80 -6.10
C LEU A 82 7.08 -19.91 -6.86
N LEU A 83 7.16 -20.27 -8.13
CA LEU A 83 5.95 -20.32 -8.95
C LEU A 83 4.90 -21.24 -8.37
N ASP A 84 5.29 -22.44 -7.92
CA ASP A 84 4.30 -23.32 -7.35
C ASP A 84 3.65 -22.73 -6.09
N LEU A 85 4.47 -22.09 -5.24
CA LEU A 85 3.89 -21.46 -4.05
C LEU A 85 3.01 -20.29 -4.45
N SER A 86 3.34 -19.67 -5.56
CA SER A 86 2.43 -18.57 -5.97
C SER A 86 1.09 -19.10 -6.46
N GLU A 87 1.12 -20.20 -7.22
CA GLU A 87 -0.19 -20.71 -7.67
C GLU A 87 -1.07 -21.04 -6.47
N GLN A 88 -0.46 -21.60 -5.44
CA GLN A 88 -1.22 -21.90 -4.22
C GLN A 88 -1.71 -20.65 -3.51
N HIS A 89 -0.80 -19.70 -3.26
CA HIS A 89 -1.18 -18.55 -2.46
C HIS A 89 -2.05 -17.52 -3.19
N ALA A 90 -1.57 -17.19 -4.40
CA ALA A 90 -2.22 -16.14 -5.16
C ALA A 90 -3.45 -16.60 -5.93
N TYR A 91 -3.45 -17.84 -6.39
CA TYR A 91 -4.60 -18.25 -7.21
C TYR A 91 -5.50 -19.15 -6.37
N LYS A 92 -4.99 -20.25 -5.83
CA LYS A 92 -5.94 -21.12 -5.10
C LYS A 92 -6.47 -20.53 -3.80
N LEU A 93 -5.61 -20.02 -2.94
CA LEU A 93 -6.00 -19.47 -1.65
C LEU A 93 -6.46 -18.02 -1.71
N ARG A 94 -6.13 -17.33 -2.80
CA ARG A 94 -6.49 -15.89 -2.93
C ARG A 94 -6.03 -15.08 -1.72
N VAL A 95 -4.81 -15.26 -1.23
CA VAL A 95 -4.30 -14.50 -0.09
C VAL A 95 -4.23 -13.03 -0.47
N ASP A 96 -4.70 -12.15 0.42
CA ASP A 96 -4.57 -10.72 0.18
C ASP A 96 -3.11 -10.33 0.19
N PRO A 97 -2.54 -9.65 -0.77
CA PRO A 97 -1.09 -9.37 -0.80
C PRO A 97 -0.73 -8.46 0.34
N ALA A 98 -1.70 -7.75 0.93
CA ALA A 98 -1.39 -6.95 2.14
C ALA A 98 -0.80 -7.83 3.24
N ASN A 99 -1.25 -9.08 3.25
CA ASN A 99 -0.81 -10.02 4.29
C ASN A 99 0.60 -10.50 4.02
N PHE A 100 1.10 -10.50 2.79
CA PHE A 100 2.51 -10.87 2.57
C PHE A 100 3.36 -9.81 3.27
N LYS A 101 2.94 -8.53 3.15
CA LYS A 101 3.73 -7.50 3.84
C LYS A 101 3.68 -7.70 5.35
N ILE A 102 2.53 -8.09 5.90
CA ILE A 102 2.41 -8.33 7.35
C ILE A 102 3.30 -9.47 7.78
N LEU A 103 3.25 -10.61 7.10
CA LEU A 103 4.17 -11.69 7.53
C LEU A 103 5.62 -11.26 7.36
N SER A 104 5.96 -10.56 6.28
CA SER A 104 7.35 -10.13 6.10
C SER A 104 7.80 -9.26 7.28
N HIS A 105 6.96 -8.34 7.69
CA HIS A 105 7.23 -7.52 8.87
C HIS A 105 7.41 -8.37 10.11
N CYS A 106 6.56 -9.38 10.30
CA CYS A 106 6.67 -10.20 11.50
C CYS A 106 7.96 -11.01 11.48
N ILE A 107 8.37 -11.47 10.30
CA ILE A 107 9.66 -12.17 10.22
C ILE A 107 10.80 -11.23 10.58
N LEU A 108 10.76 -9.99 10.11
CA LEU A 108 11.82 -9.03 10.47
C LEU A 108 11.80 -8.73 11.97
N VAL A 109 10.61 -8.56 12.54
CA VAL A 109 10.54 -8.33 13.98
C VAL A 109 11.21 -9.48 14.71
N VAL A 110 10.95 -10.73 14.28
CA VAL A 110 11.50 -11.86 15.04
C VAL A 110 12.99 -11.98 14.85
N ILE A 111 13.49 -11.72 13.64
CA ILE A 111 14.95 -11.82 13.47
C ILE A 111 15.65 -10.73 14.26
N SER A 112 15.09 -9.52 14.30
CA SER A 112 15.61 -8.42 15.09
C SER A 112 15.71 -8.80 16.56
N MET A 113 14.60 -9.40 17.01
CA MET A 113 14.55 -9.77 18.43
C MET A 113 15.56 -10.86 18.76
N MET A 114 15.74 -11.83 17.87
CA MET A 114 16.52 -13.02 18.17
C MET A 114 18.00 -12.86 17.84
N PHE A 115 18.24 -11.96 16.88
CA PHE A 115 19.57 -11.76 16.36
C PHE A 115 19.91 -10.29 16.23
N PRO A 116 19.77 -9.56 17.33
CA PRO A 116 19.94 -8.10 17.21
C PRO A 116 21.33 -7.73 16.70
N LYS A 117 22.40 -8.49 16.98
CA LYS A 117 23.66 -7.93 16.45
C LYS A 117 23.89 -8.25 14.99
N GLU A 118 23.22 -9.27 14.45
CA GLU A 118 23.32 -9.58 13.03
C GLU A 118 22.38 -8.71 12.17
N PHE A 119 21.34 -8.20 12.83
CA PHE A 119 20.29 -7.43 12.11
C PHE A 119 20.59 -5.93 12.06
N THR A 120 21.66 -5.61 11.34
CA THR A 120 22.10 -4.24 11.16
C THR A 120 21.13 -3.49 10.28
N PRO A 121 21.20 -2.17 10.28
CA PRO A 121 20.42 -1.45 9.27
C PRO A 121 20.70 -1.93 7.86
N GLU A 122 21.93 -2.30 7.52
CA GLU A 122 22.29 -2.78 6.19
C GLU A 122 21.67 -4.15 5.93
N ALA A 123 21.76 -5.06 6.89
CA ALA A 123 21.10 -6.36 6.75
C ALA A 123 19.60 -6.16 6.57
N HIS A 124 19.09 -5.14 7.29
CA HIS A 124 17.64 -4.88 7.27
C HIS A 124 17.24 -4.45 5.86
N VAL A 125 17.92 -3.47 5.29
CA VAL A 125 17.47 -3.05 3.95
C VAL A 125 17.57 -4.20 2.97
N SER A 126 18.63 -4.98 2.98
CA SER A 126 18.71 -6.09 2.03
C SER A 126 17.66 -7.16 2.27
N LEU A 127 17.41 -7.49 3.54
CA LEU A 127 16.43 -8.55 3.80
C LEU A 127 15.02 -8.05 3.48
N ASP A 128 14.74 -6.77 3.73
CA ASP A 128 13.44 -6.24 3.30
C ASP A 128 13.30 -6.22 1.79
N LYS A 129 14.34 -5.90 1.03
CA LYS A 129 14.26 -6.02 -0.43
C LYS A 129 14.00 -7.47 -0.83
N PHE A 130 14.62 -8.41 -0.13
CA PHE A 130 14.42 -9.81 -0.45
C PHE A 130 13.00 -10.24 -0.13
N LEU A 131 12.51 -9.88 1.05
CA LEU A 131 11.12 -10.24 1.36
C LEU A 131 10.15 -9.55 0.41
N SER A 132 10.45 -8.35 -0.05
CA SER A 132 9.60 -7.73 -1.06
C SER A 132 9.64 -8.51 -2.35
N GLY A 133 10.82 -9.00 -2.71
CA GLY A 133 10.87 -9.84 -3.92
C GLY A 133 10.17 -11.17 -3.77
N VAL A 134 10.23 -11.76 -2.56
CA VAL A 134 9.51 -13.01 -2.28
C VAL A 134 8.00 -12.76 -2.42
N SER A 135 7.55 -11.62 -1.87
CA SER A 135 6.12 -11.27 -1.89
C SER A 135 5.68 -11.04 -3.31
N LEU A 136 6.51 -10.37 -4.09
CA LEU A 136 6.19 -10.17 -5.51
C LEU A 136 6.16 -11.49 -6.27
N ALA A 137 7.10 -12.38 -5.97
CA ALA A 137 7.09 -13.72 -6.60
C ALA A 137 5.85 -14.49 -6.21
N LEU A 138 5.43 -14.39 -4.95
CA LEU A 138 4.19 -15.07 -4.54
C LEU A 138 2.96 -14.46 -5.21
N SER A 139 3.04 -13.24 -5.69
CA SER A 139 1.92 -12.55 -6.32
C SER A 139 1.88 -12.83 -7.82
N GLU A 140 2.78 -13.62 -8.35
CA GLU A 140 2.89 -13.93 -9.76
C GLU A 140 1.60 -14.45 -10.38
N ARG A 141 0.85 -15.24 -9.62
CA ARG A 141 -0.31 -15.91 -10.26
C ARG A 141 -1.62 -15.29 -9.87
N TYR A 142 -1.64 -14.03 -9.41
CA TYR A 142 -2.93 -13.41 -9.16
C TYR A 142 -3.78 -13.19 -10.42
N ARG A 143 -3.15 -12.62 -11.43
CA ARG A 143 -3.94 -12.02 -12.51
C ARG A 143 -3.18 -11.87 -13.81
N VAL B 1 -11.66 4.15 19.95
CA VAL B 1 -10.94 2.97 20.41
C VAL B 1 -11.14 2.70 21.89
N GLU B 2 -11.27 1.43 22.26
CA GLU B 2 -11.34 1.12 23.69
C GLU B 2 -10.04 0.49 24.15
N TRP B 3 -9.66 0.90 25.34
CA TRP B 3 -8.49 0.38 26.00
C TRP B 3 -8.80 -0.29 27.33
N THR B 4 -8.18 -1.44 27.56
CA THR B 4 -8.28 -2.17 28.82
C THR B 4 -7.21 -1.66 29.79
N ASP B 5 -7.55 -1.90 31.06
CA ASP B 5 -6.58 -1.58 32.10
C ASP B 5 -5.27 -2.29 31.79
N GLN B 6 -5.29 -3.53 31.33
CA GLN B 6 -3.99 -4.16 31.05
C GLN B 6 -3.29 -3.51 29.85
N GLU B 7 -4.08 -3.05 28.87
CA GLU B 7 -3.42 -2.47 27.69
C GLU B 7 -2.68 -1.21 28.08
N ARG B 8 -3.31 -0.38 28.91
CA ARG B 8 -2.64 0.86 29.34
C ARG B 8 -1.36 0.54 30.09
N ALA B 9 -1.43 -0.43 31.00
CA ALA B 9 -0.24 -0.84 31.71
C ALA B 9 0.85 -1.34 30.76
N THR B 10 0.42 -2.12 29.77
CA THR B 10 1.35 -2.71 28.83
C THR B 10 2.07 -1.63 28.05
N ILE B 11 1.33 -0.64 27.56
CA ILE B 11 1.97 0.45 26.80
C ILE B 11 2.90 1.25 27.70
N SER B 12 2.43 1.60 28.89
CA SER B 12 3.26 2.25 29.88
C SER B 12 4.48 1.40 30.16
N SER B 13 4.37 0.08 30.29
CA SER B 13 5.52 -0.75 30.60
C SER B 13 6.53 -0.77 29.47
N ILE B 14 6.03 -0.85 28.24
CA ILE B 14 6.94 -0.85 27.10
C ILE B 14 7.75 0.44 27.07
N PHE B 15 7.06 1.56 27.09
CA PHE B 15 7.84 2.80 26.98
C PHE B 15 8.76 3.03 28.15
N GLY B 16 8.37 2.65 29.37
CA GLY B 16 9.25 2.83 30.53
C GLY B 16 10.47 1.93 30.47
N SER B 17 10.49 0.90 29.62
CA SER B 17 11.73 0.14 29.63
C SER B 17 12.70 0.64 28.56
N LEU B 18 12.28 1.66 27.80
CA LEU B 18 13.13 2.22 26.75
C LEU B 18 13.93 3.46 27.18
N ASP B 19 15.12 3.64 26.61
CA ASP B 19 15.85 4.92 26.69
C ASP B 19 15.56 5.67 25.40
N TYR B 20 14.80 6.76 25.44
CA TYR B 20 14.40 7.40 24.17
C TYR B 20 15.62 7.87 23.40
N ASP B 21 16.72 8.12 24.11
CA ASP B 21 17.93 8.64 23.45
C ASP B 21 18.58 7.54 22.62
N ASP B 22 18.28 6.32 22.99
CA ASP B 22 18.81 5.14 22.32
C ASP B 22 17.89 4.75 21.16
N ILE B 23 16.63 4.55 21.49
CA ILE B 23 15.63 4.07 20.52
C ILE B 23 15.27 5.08 19.46
N GLY B 24 15.10 6.35 19.82
CA GLY B 24 14.70 7.38 18.84
C GLY B 24 15.59 7.43 17.62
N PRO B 25 16.89 7.58 17.80
CA PRO B 25 17.76 7.69 16.62
C PRO B 25 17.83 6.38 15.84
N LYS B 26 17.73 5.24 16.52
CA LYS B 26 17.77 3.95 15.81
C LYS B 26 16.57 3.81 14.88
N ALA B 27 15.40 4.19 15.40
CA ALA B 27 14.17 4.03 14.63
C ALA B 27 14.15 4.95 13.41
N LEU B 28 14.50 6.22 13.63
CA LEU B 28 14.47 7.13 12.48
C LEU B 28 15.60 6.83 11.51
N SER B 29 16.79 6.51 12.01
CA SER B 29 17.86 6.09 11.08
C SER B 29 17.46 4.95 10.17
N ARG B 30 16.93 3.89 10.79
CA ARG B 30 16.45 2.74 10.00
C ARG B 30 15.42 3.13 8.97
N CYS B 31 14.49 4.01 9.35
CA CYS B 31 13.48 4.40 8.35
C CYS B 31 14.11 5.11 7.15
N LEU B 32 15.06 6.01 7.42
CA LEU B 32 15.71 6.77 6.35
C LEU B 32 16.61 5.92 5.49
N ILE B 33 17.12 4.82 6.05
CA ILE B 33 17.95 3.87 5.29
C ILE B 33 17.10 2.88 4.49
N VAL B 34 16.12 2.29 5.19
CA VAL B 34 15.35 1.22 4.55
C VAL B 34 14.34 1.80 3.58
N TYR B 35 13.84 3.01 3.82
CA TYR B 35 12.81 3.60 2.97
C TYR B 35 13.25 4.98 2.55
N PRO B 36 14.28 5.01 1.73
CA PRO B 36 15.09 6.23 1.57
C PRO B 36 14.37 7.36 0.85
N TRP B 37 13.21 7.15 0.24
CA TRP B 37 12.44 8.30 -0.31
C TRP B 37 12.04 9.22 0.82
N THR B 38 11.98 8.71 2.06
CA THR B 38 11.60 9.55 3.20
C THR B 38 12.67 10.60 3.47
N GLN B 39 13.86 10.43 2.93
CA GLN B 39 14.92 11.47 3.06
C GLN B 39 14.45 12.77 2.43
N ARG B 40 13.54 12.70 1.46
CA ARG B 40 13.12 13.92 0.78
C ARG B 40 12.55 14.95 1.74
N HIS B 41 12.04 14.47 2.88
CA HIS B 41 11.48 15.35 3.90
C HIS B 41 12.54 15.85 4.87
N PHE B 42 13.83 15.48 4.77
CA PHE B 42 14.84 15.87 5.77
C PHE B 42 16.08 16.56 5.20
N GLY B 43 15.86 17.30 4.11
CA GLY B 43 16.88 18.04 3.38
C GLY B 43 17.75 18.96 4.19
N SER B 44 17.21 19.64 5.19
CA SER B 44 18.03 20.52 6.00
C SER B 44 18.69 19.76 7.14
N PHE B 45 18.60 18.43 7.13
CA PHE B 45 19.19 17.77 8.29
C PHE B 45 20.61 17.31 8.07
N GLY B 46 21.32 17.73 7.03
CA GLY B 46 22.72 17.32 7.03
C GLY B 46 22.95 16.09 6.13
N ASN B 47 24.02 15.37 6.45
CA ASN B 47 24.47 14.23 5.66
C ASN B 47 23.49 13.07 5.71
N LEU B 48 22.96 12.64 4.57
CA LEU B 48 22.03 11.51 4.48
C LEU B 48 22.46 10.49 3.42
N TYR B 49 23.61 10.70 2.79
CA TYR B 49 23.95 10.06 1.52
C TYR B 49 24.40 8.61 1.61
N ASN B 50 24.68 8.09 2.80
CA ASN B 50 24.82 6.63 2.92
C ASN B 50 24.42 6.24 4.35
N ALA B 51 24.32 4.97 4.64
CA ALA B 51 23.85 4.53 5.96
C ALA B 51 24.77 5.01 7.07
N GLU B 52 26.09 4.84 6.90
CA GLU B 52 27.00 5.29 7.93
C GLU B 52 26.76 6.75 8.30
N ALA B 53 26.57 7.57 7.25
CA ALA B 53 26.35 8.99 7.49
C ALA B 53 25.04 9.19 8.25
N ILE B 54 23.96 8.54 7.86
CA ILE B 54 22.69 8.72 8.57
C ILE B 54 22.81 8.28 10.02
N ILE B 55 23.46 7.15 10.25
CA ILE B 55 23.57 6.59 11.61
C ILE B 55 24.43 7.45 12.52
N GLY B 56 25.29 8.25 11.86
CA GLY B 56 26.16 9.10 12.67
C GLY B 56 25.59 10.49 12.84
N ASN B 57 24.60 10.81 12.02
CA ASN B 57 24.01 12.15 12.01
C ASN B 57 23.23 12.52 13.26
N GLN B 58 23.76 13.48 14.04
CA GLN B 58 23.15 13.82 15.33
C GLN B 58 21.95 14.72 15.18
N LYS B 59 21.75 15.32 14.00
CA LYS B 59 20.49 16.06 13.81
C LYS B 59 19.34 15.10 13.56
N VAL B 60 19.63 14.07 12.77
CA VAL B 60 18.65 12.96 12.66
C VAL B 60 18.41 12.30 14.00
N ALA B 61 19.48 12.09 14.74
CA ALA B 61 19.30 11.49 16.07
C ALA B 61 18.40 12.31 16.97
N ALA B 62 18.69 13.61 17.09
CA ALA B 62 17.82 14.48 17.87
C ALA B 62 16.36 14.43 17.46
N HIS B 63 16.09 14.37 16.17
CA HIS B 63 14.73 14.34 15.67
C HIS B 63 14.07 13.02 16.05
N GLY B 64 14.82 11.91 15.96
CA GLY B 64 14.19 10.67 16.37
C GLY B 64 13.87 10.67 17.84
N ILE B 65 14.73 11.34 18.62
CA ILE B 65 14.36 11.44 20.04
C ILE B 65 13.11 12.28 20.21
N LYS B 66 12.97 13.34 19.43
CA LYS B 66 11.74 14.12 19.48
C LYS B 66 10.52 13.28 19.17
N VAL B 67 10.66 12.33 18.24
CA VAL B 67 9.51 11.50 17.89
C VAL B 67 9.08 10.67 19.10
N LEU B 68 10.03 10.06 19.80
CA LEU B 68 9.73 9.27 20.99
C LEU B 68 9.08 10.14 22.06
N HIS B 69 9.55 11.38 22.22
CA HIS B 69 8.90 12.21 23.22
C HIS B 69 7.48 12.50 22.76
N GLY B 70 7.27 12.70 21.46
CA GLY B 70 5.92 12.92 20.97
C GLY B 70 5.04 11.71 21.20
N LEU B 71 5.61 10.51 21.14
CA LEU B 71 4.76 9.33 21.40
C LEU B 71 4.42 9.24 22.87
N ASP B 72 5.30 9.82 23.70
CA ASP B 72 5.15 9.71 25.14
C ASP B 72 3.88 10.43 25.59
N ARG B 73 3.62 11.54 24.89
CA ARG B 73 2.40 12.27 25.18
C ARG B 73 1.19 11.35 24.96
N ALA B 74 1.29 10.50 23.95
CA ALA B 74 0.17 9.61 23.66
C ALA B 74 0.08 8.51 24.71
N VAL B 75 1.25 8.00 25.11
CA VAL B 75 1.27 6.99 26.16
C VAL B 75 0.50 7.44 27.39
N LYS B 76 0.60 8.74 27.65
CA LYS B 76 0.07 9.49 28.76
C LYS B 76 -1.40 9.84 28.63
N ASN B 77 -1.94 9.85 27.43
CA ASN B 77 -3.34 10.27 27.27
C ASN B 77 -3.99 9.45 26.17
N MET B 78 -4.07 8.15 26.50
CA MET B 78 -4.38 7.14 25.52
C MET B 78 -5.80 7.24 24.97
N ASP B 79 -6.70 7.86 25.74
CA ASP B 79 -8.05 8.01 25.19
C ASP B 79 -8.18 9.26 24.34
N ASN B 80 -7.18 10.14 24.34
CA ASN B 80 -7.33 11.30 23.47
C ASN B 80 -6.25 11.40 22.41
N ILE B 81 -5.78 10.29 21.86
CA ILE B 81 -4.63 10.43 20.95
C ILE B 81 -4.98 11.29 19.74
N LYS B 82 -6.17 11.12 19.17
CA LYS B 82 -6.55 11.84 17.95
C LYS B 82 -6.49 13.34 18.17
N GLU B 83 -6.88 13.79 19.35
CA GLU B 83 -6.83 15.21 19.68
C GLU B 83 -5.44 15.70 19.95
N ILE B 84 -4.58 15.03 20.70
CA ILE B 84 -3.34 15.77 21.05
C ILE B 84 -2.42 15.83 19.83
N TYR B 85 -2.70 14.96 18.86
CA TYR B 85 -1.91 14.88 17.63
C TYR B 85 -2.50 15.72 16.50
N ALA B 86 -3.48 16.53 16.88
CA ALA B 86 -4.19 17.35 15.92
C ALA B 86 -3.23 18.20 15.11
N GLU B 87 -2.37 18.93 15.80
CA GLU B 87 -1.46 19.83 15.12
C GLU B 87 -0.41 19.06 14.32
N LEU B 88 0.03 17.91 14.83
CA LEU B 88 1.03 17.13 14.11
C LEU B 88 0.47 16.55 12.83
N SER B 89 -0.85 16.33 12.82
CA SER B 89 -1.46 15.83 11.60
C SER B 89 -1.46 16.87 10.47
N ILE B 90 -1.53 18.14 10.88
CA ILE B 90 -1.60 19.26 9.95
C ILE B 90 -0.22 19.49 9.38
N LEU B 91 0.76 19.55 10.28
CA LEU B 91 2.17 19.50 9.96
C LEU B 91 2.47 18.47 8.86
N HIS B 92 2.30 17.21 9.26
CA HIS B 92 2.71 16.09 8.43
C HIS B 92 1.88 15.92 7.17
N SER B 93 0.57 15.96 7.32
CA SER B 93 -0.44 15.72 6.32
C SER B 93 -1.00 16.98 5.70
N GLU B 94 -0.31 18.11 5.89
CA GLU B 94 -0.71 19.32 5.20
C GLU B 94 0.54 20.13 4.85
N LYS B 95 1.31 20.51 5.86
CA LYS B 95 2.50 21.32 5.58
C LYS B 95 3.59 20.53 4.90
N LEU B 96 3.80 19.25 5.25
CA LEU B 96 4.99 18.59 4.68
C LEU B 96 4.62 17.64 3.54
N HIS B 97 3.34 17.38 3.41
CA HIS B 97 2.78 16.50 2.42
C HIS B 97 3.52 15.15 2.40
N VAL B 98 3.58 14.55 3.59
CA VAL B 98 4.03 13.19 3.79
C VAL B 98 2.94 12.18 3.44
N ASP B 99 3.17 11.31 2.46
CA ASP B 99 2.14 10.29 2.19
C ASP B 99 1.95 9.42 3.43
N PRO B 100 0.73 9.08 3.84
CA PRO B 100 0.54 8.41 5.14
C PRO B 100 1.04 6.98 5.16
N ASP B 101 1.29 6.34 4.02
CA ASP B 101 1.95 5.04 4.00
C ASP B 101 3.22 5.03 4.86
N ASN B 102 3.90 6.17 4.84
CA ASN B 102 5.18 6.35 5.50
C ASN B 102 5.05 6.35 7.01
N PHE B 103 3.88 6.70 7.54
CA PHE B 103 3.72 6.70 9.01
C PHE B 103 3.84 5.27 9.49
N LYS B 104 3.21 4.36 8.73
CA LYS B 104 3.30 2.92 9.00
C LYS B 104 4.73 2.42 8.93
N LEU B 105 5.48 2.94 7.94
CA LEU B 105 6.87 2.46 7.77
C LEU B 105 7.75 2.84 8.95
N LEU B 106 7.62 4.10 9.38
CA LEU B 106 8.33 4.49 10.60
C LEU B 106 7.85 3.72 11.83
N ALA B 107 6.55 3.51 11.99
CA ALA B 107 6.07 2.69 13.09
C ALA B 107 6.66 1.28 12.99
N ASP B 108 6.76 0.71 11.80
CA ASP B 108 7.35 -0.62 11.67
C ASP B 108 8.82 -0.61 12.06
N CYS B 109 9.56 0.43 11.66
CA CYS B 109 10.97 0.48 12.11
C CYS B 109 11.09 0.61 13.62
N LEU B 110 10.19 1.37 14.25
CA LEU B 110 10.21 1.49 15.71
C LEU B 110 9.98 0.13 16.36
N THR B 111 8.98 -0.61 15.84
CA THR B 111 8.68 -1.91 16.38
C THR B 111 9.89 -2.83 16.30
N ILE B 112 10.59 -2.79 15.17
CA ILE B 112 11.77 -3.62 14.98
C ILE B 112 12.88 -3.26 15.95
N VAL B 113 13.07 -1.99 16.24
CA VAL B 113 14.16 -1.56 17.14
C VAL B 113 13.73 -1.83 18.56
N VAL B 114 12.47 -1.62 18.90
CA VAL B 114 11.94 -1.96 20.24
C VAL B 114 12.09 -3.46 20.51
N ALA B 115 11.76 -4.30 19.54
CA ALA B 115 11.91 -5.74 19.69
C ALA B 115 13.34 -6.17 19.94
N ALA B 116 14.31 -5.57 19.23
CA ALA B 116 15.72 -5.93 19.50
C ALA B 116 16.12 -5.51 20.92
N LYS B 117 15.65 -4.36 21.38
CA LYS B 117 16.03 -3.90 22.72
C LYS B 117 15.40 -4.78 23.78
N MET B 118 14.10 -5.07 23.66
CA MET B 118 13.39 -5.80 24.70
C MET B 118 13.65 -7.30 24.65
N GLY B 119 14.11 -7.84 23.52
CA GLY B 119 14.33 -9.28 23.46
C GLY B 119 12.99 -10.01 23.70
N SER B 120 13.02 -11.10 24.42
CA SER B 120 11.95 -12.01 24.76
C SER B 120 10.79 -11.40 25.50
N GLY B 121 11.02 -10.28 26.18
CA GLY B 121 9.94 -9.59 26.88
C GLY B 121 8.94 -8.97 25.92
N PHE B 122 9.40 -8.73 24.70
CA PHE B 122 8.47 -8.26 23.66
C PHE B 122 7.75 -9.47 23.08
N ASN B 123 6.90 -10.10 23.91
CA ASN B 123 6.21 -11.32 23.48
C ASN B 123 5.10 -11.04 22.48
N PRO B 124 4.46 -12.01 21.84
CA PRO B 124 3.41 -11.65 20.86
C PRO B 124 2.29 -10.79 21.40
N GLY B 125 1.83 -11.04 22.63
CA GLY B 125 0.75 -10.21 23.16
C GLY B 125 1.15 -8.76 23.38
N THR B 126 2.42 -8.55 23.72
CA THR B 126 2.92 -7.20 23.96
C THR B 126 3.01 -6.46 22.63
N GLN B 127 3.47 -7.22 21.64
CA GLN B 127 3.50 -6.65 20.29
C GLN B 127 2.11 -6.27 19.82
N ALA B 128 1.15 -7.14 20.19
CA ALA B 128 -0.21 -6.88 19.68
C ALA B 128 -0.69 -5.55 20.24
N THR B 129 -0.50 -5.34 21.54
CA THR B 129 -0.95 -4.09 22.15
C THR B 129 -0.15 -2.90 21.63
N PHE B 130 1.17 -3.09 21.49
CA PHE B 130 2.01 -2.02 20.90
C PHE B 130 1.51 -1.64 19.52
N GLN B 131 1.17 -2.64 18.70
CA GLN B 131 0.72 -2.30 17.34
C GLN B 131 -0.65 -1.62 17.33
N LYS B 132 -1.52 -2.00 18.26
CA LYS B 132 -2.83 -1.36 18.36
C LYS B 132 -2.63 0.11 18.70
N PHE B 133 -1.71 0.40 19.62
CA PHE B 133 -1.38 1.78 19.95
C PHE B 133 -0.82 2.55 18.76
N LEU B 134 0.15 1.96 18.05
CA LEU B 134 0.73 2.64 16.89
C LEU B 134 -0.32 2.85 15.80
N ALA B 135 -1.20 1.88 15.58
CA ALA B 135 -2.25 2.10 14.59
C ALA B 135 -3.13 3.30 14.93
N VAL B 136 -3.42 3.49 16.23
CA VAL B 136 -4.19 4.66 16.64
C VAL B 136 -3.38 5.92 16.30
N VAL B 137 -2.10 5.94 16.67
CA VAL B 137 -1.25 7.09 16.40
C VAL B 137 -1.15 7.40 14.92
N VAL B 138 -0.90 6.38 14.13
CA VAL B 138 -0.77 6.55 12.69
C VAL B 138 -2.06 7.14 12.11
N SER B 139 -3.22 6.68 12.55
CA SER B 139 -4.49 7.18 12.05
C SER B 139 -4.62 8.65 12.40
N ALA B 140 -4.33 8.94 13.66
CA ALA B 140 -4.41 10.33 14.11
C ALA B 140 -3.51 11.21 13.25
N LEU B 141 -2.35 10.73 12.82
CA LEU B 141 -1.46 11.59 12.04
C LEU B 141 -2.00 11.79 10.62
N GLY B 142 -2.86 10.86 10.26
CA GLY B 142 -3.56 10.72 9.00
C GLY B 142 -4.42 11.95 8.72
N LYS B 143 -4.73 12.19 7.44
CA LYS B 143 -5.51 13.36 7.08
C LYS B 143 -6.80 13.44 7.88
N GLN B 144 -7.23 14.65 8.19
CA GLN B 144 -8.46 14.90 8.92
C GLN B 144 -8.51 14.03 10.18
N SER C 2 4.63 -10.72 -13.49
CA SER C 2 5.25 -10.63 -14.83
C SER C 2 4.15 -10.57 -15.88
N LEU C 3 4.51 -10.02 -17.03
CA LEU C 3 3.56 -9.91 -18.12
C LEU C 3 3.58 -11.18 -18.98
N SER C 4 2.39 -11.77 -19.16
CA SER C 4 2.36 -12.95 -20.05
C SER C 4 2.39 -12.50 -21.49
N ASP C 5 2.43 -13.46 -22.43
CA ASP C 5 2.43 -12.96 -23.81
C ASP C 5 1.05 -12.37 -24.08
N LYS C 6 0.02 -12.90 -23.39
CA LYS C 6 -1.32 -12.36 -23.55
C LYS C 6 -1.37 -10.90 -23.09
N ASP C 7 -0.72 -10.65 -21.95
CA ASP C 7 -0.72 -9.29 -21.42
C ASP C 7 0.04 -8.39 -22.39
N LYS C 8 1.20 -8.87 -22.87
CA LYS C 8 1.95 -7.97 -23.76
C LYS C 8 1.20 -7.65 -25.04
N ALA C 9 0.49 -8.65 -25.57
CA ALA C 9 -0.28 -8.47 -26.80
C ALA C 9 -1.37 -7.43 -26.54
N ALA C 10 -1.98 -7.53 -25.35
CA ALA C 10 -3.11 -6.67 -25.01
C ALA C 10 -2.61 -5.24 -24.86
N VAL C 11 -1.44 -5.10 -24.25
CA VAL C 11 -0.93 -3.73 -24.09
C VAL C 11 -0.53 -3.14 -25.44
N LYS C 12 0.20 -3.93 -26.23
CA LYS C 12 0.56 -3.43 -27.57
C LYS C 12 -0.66 -3.08 -28.42
N LEU C 13 -1.70 -3.89 -28.43
CA LEU C 13 -2.88 -3.56 -29.22
C LEU C 13 -3.54 -2.31 -28.70
N LEU C 14 -3.69 -2.21 -27.37
CA LEU C 14 -4.32 -1.01 -26.84
C LEU C 14 -3.50 0.21 -27.20
N TRP C 15 -2.20 0.12 -26.98
CA TRP C 15 -1.34 1.26 -27.31
C TRP C 15 -1.50 1.60 -28.80
N SER C 16 -1.63 0.59 -29.67
CA SER C 16 -1.71 0.91 -31.11
C SER C 16 -2.94 1.75 -31.42
N LYS C 17 -3.98 1.57 -30.60
CA LYS C 17 -5.21 2.32 -30.79
C LYS C 17 -5.17 3.70 -30.15
N ILE C 18 -4.38 3.92 -29.10
CA ILE C 18 -4.49 5.21 -28.38
C ILE C 18 -3.29 6.10 -28.58
N SER C 19 -2.21 5.60 -29.17
CA SER C 19 -0.95 6.34 -29.18
C SER C 19 -1.02 7.64 -29.95
N LYS C 20 -1.91 7.69 -30.95
CA LYS C 20 -2.06 8.98 -31.66
C LYS C 20 -2.57 10.09 -30.76
N SER C 21 -3.13 9.75 -29.59
CA SER C 21 -3.69 10.69 -28.65
C SER C 21 -2.78 10.88 -27.45
N SER C 22 -1.51 10.48 -27.57
CA SER C 22 -0.65 10.41 -26.38
C SER C 22 -0.46 11.80 -25.75
N ASP C 23 -0.34 12.86 -26.53
CA ASP C 23 -0.15 14.19 -25.94
C ASP C 23 -1.31 14.59 -25.03
N ALA C 24 -2.51 14.41 -25.57
CA ALA C 24 -3.71 14.65 -24.78
C ALA C 24 -3.82 13.75 -23.56
N ILE C 25 -3.47 12.47 -23.70
CA ILE C 25 -3.56 11.56 -22.56
C ILE C 25 -2.65 12.03 -21.43
N GLY C 26 -1.42 12.40 -21.81
CA GLY C 26 -0.43 12.85 -20.84
C GLY C 26 -0.84 14.15 -20.19
N ASN C 27 -1.34 15.12 -20.99
CA ASN C 27 -1.80 16.37 -20.36
C ASN C 27 -2.94 16.13 -19.40
N ASP C 28 -3.97 15.39 -19.77
CA ASP C 28 -5.09 15.11 -18.87
C ASP C 28 -4.61 14.34 -17.64
N ALA C 29 -3.73 13.36 -17.84
CA ALA C 29 -3.32 12.51 -16.71
C ALA C 29 -2.54 13.29 -15.67
N LEU C 30 -1.60 14.09 -16.16
CA LEU C 30 -0.76 14.89 -15.30
C LEU C 30 -1.56 15.98 -14.60
N SER C 31 -2.49 16.60 -15.35
CA SER C 31 -3.36 17.62 -14.78
C SER C 31 -4.18 17.03 -13.63
N ARG C 32 -4.64 15.79 -13.80
CA ARG C 32 -5.45 15.13 -12.77
C ARG C 32 -4.58 14.70 -11.59
N MET C 33 -3.36 14.24 -11.82
CA MET C 33 -2.57 13.93 -10.63
C MET C 33 -2.39 15.18 -9.75
N ILE C 34 -2.14 16.33 -10.37
CA ILE C 34 -1.85 17.52 -9.60
C ILE C 34 -3.07 18.05 -8.87
N VAL C 35 -4.22 18.03 -9.56
CA VAL C 35 -5.37 18.62 -8.84
C VAL C 35 -6.12 17.60 -8.00
N VAL C 36 -6.14 16.31 -8.39
CA VAL C 36 -6.90 15.33 -7.61
C VAL C 36 -6.13 14.85 -6.40
N TYR C 37 -4.81 14.86 -6.50
CA TYR C 37 -3.88 14.41 -5.44
C TYR C 37 -2.82 15.49 -5.22
N PRO C 38 -3.24 16.59 -4.61
CA PRO C 38 -2.41 17.79 -4.50
C PRO C 38 -1.14 17.55 -3.71
N GLN C 39 -1.03 16.46 -2.99
CA GLN C 39 0.28 16.17 -2.36
C GLN C 39 1.36 16.07 -3.42
N THR C 40 1.05 15.75 -4.68
CA THR C 40 2.08 15.66 -5.71
C THR C 40 2.52 17.02 -6.25
N LYS C 41 1.79 18.09 -5.94
CA LYS C 41 2.09 19.38 -6.56
C LYS C 41 3.50 19.85 -6.23
N THR C 42 3.96 19.44 -5.05
CA THR C 42 5.26 19.99 -4.61
C THR C 42 6.39 19.43 -5.44
N TYR C 43 6.17 18.33 -6.16
CA TYR C 43 7.24 17.93 -7.07
C TYR C 43 7.41 18.90 -8.24
N PHE C 44 6.42 19.74 -8.48
CA PHE C 44 6.49 20.55 -9.71
C PHE C 44 6.41 22.03 -9.42
N ALA C 45 6.74 22.37 -8.18
CA ALA C 45 6.48 23.73 -7.72
C ALA C 45 7.38 24.73 -8.40
N HIS C 46 8.38 24.26 -9.12
CA HIS C 46 9.29 25.14 -9.85
C HIS C 46 8.66 25.67 -11.13
N TRP C 47 7.48 25.24 -11.53
CA TRP C 47 6.63 25.81 -12.56
C TRP C 47 5.43 26.58 -12.01
N PRO C 48 5.28 27.89 -12.18
CA PRO C 48 4.14 28.64 -11.62
C PRO C 48 2.76 28.28 -12.11
N ASP C 49 2.44 27.99 -13.38
CA ASP C 49 1.00 27.67 -13.61
C ASP C 49 0.84 26.16 -13.71
N LEU C 50 0.16 25.57 -12.72
CA LEU C 50 -0.05 24.14 -12.80
C LEU C 50 -1.53 23.84 -12.98
N SER C 51 -2.32 24.78 -13.55
CA SER C 51 -3.74 24.45 -13.75
C SER C 51 -3.87 23.41 -14.86
N PRO C 52 -4.97 22.68 -14.89
CA PRO C 52 -5.13 21.69 -15.96
C PRO C 52 -4.96 22.35 -17.33
N GLY C 53 -4.11 21.69 -18.11
CA GLY C 53 -3.87 22.13 -19.47
C GLY C 53 -2.91 23.29 -19.58
N SER C 54 -2.27 23.77 -18.53
CA SER C 54 -1.29 24.84 -18.60
C SER C 54 -0.04 24.46 -19.40
N PRO C 55 0.72 25.40 -19.92
CA PRO C 55 1.81 25.09 -20.84
C PRO C 55 2.83 24.10 -20.29
N HIS C 56 3.21 24.23 -19.04
CA HIS C 56 4.18 23.30 -18.46
C HIS C 56 3.56 21.93 -18.24
N VAL C 57 2.28 21.91 -17.87
CA VAL C 57 1.63 20.62 -17.60
C VAL C 57 1.47 19.91 -18.95
N LYS C 58 1.04 20.67 -19.96
CA LYS C 58 0.88 20.06 -21.28
C LYS C 58 2.19 19.51 -21.81
N ALA C 59 3.25 20.32 -21.68
CA ALA C 59 4.53 19.87 -22.17
C ALA C 59 5.01 18.64 -21.41
N HIS C 60 4.94 18.68 -20.08
CA HIS C 60 5.44 17.51 -19.33
C HIS C 60 4.54 16.30 -19.54
N GLY C 61 3.26 16.57 -19.80
CA GLY C 61 2.36 15.43 -20.09
C GLY C 61 2.90 14.66 -21.27
N LYS C 62 3.35 15.38 -22.30
CA LYS C 62 3.90 14.73 -23.49
C LYS C 62 5.16 13.95 -23.15
N THR C 63 6.00 14.51 -22.29
CA THR C 63 7.20 13.84 -21.83
C THR C 63 6.89 12.55 -21.10
N VAL C 64 5.91 12.64 -20.19
CA VAL C 64 5.51 11.42 -19.49
C VAL C 64 5.10 10.34 -20.47
N MET C 65 4.28 10.70 -21.46
CA MET C 65 3.78 9.65 -22.36
C MET C 65 4.89 9.18 -23.28
N GLY C 66 5.95 10.01 -23.46
CA GLY C 66 7.10 9.47 -24.20
C GLY C 66 7.77 8.41 -23.34
N GLY C 67 7.73 8.57 -22.01
CA GLY C 67 8.28 7.51 -21.16
C GLY C 67 7.42 6.25 -21.23
N ILE C 68 6.10 6.40 -21.28
CA ILE C 68 5.24 5.22 -21.48
C ILE C 68 5.48 4.55 -22.81
N ALA C 69 5.64 5.31 -23.90
CA ALA C 69 5.92 4.65 -25.19
C ALA C 69 7.28 3.96 -25.14
N LEU C 70 8.26 4.51 -24.46
CA LEU C 70 9.55 3.83 -24.26
C LEU C 70 9.29 2.51 -23.53
N ALA C 71 8.45 2.55 -22.48
CA ALA C 71 8.15 1.30 -21.77
C ALA C 71 7.49 0.27 -22.65
N VAL C 72 6.56 0.69 -23.53
CA VAL C 72 5.95 -0.29 -24.45
C VAL C 72 7.02 -0.91 -25.36
N SER C 73 8.00 -0.14 -25.83
CA SER C 73 9.04 -0.68 -26.69
C SER C 73 9.95 -1.62 -25.89
N LYS C 74 10.09 -1.37 -24.60
CA LYS C 74 10.97 -2.12 -23.73
C LYS C 74 10.20 -3.12 -22.86
N ILE C 75 9.01 -3.49 -23.33
CA ILE C 75 8.08 -4.27 -22.53
C ILE C 75 8.64 -5.63 -22.15
N ASP C 76 9.59 -6.16 -22.92
CA ASP C 76 10.16 -7.44 -22.49
C ASP C 76 11.18 -7.31 -21.36
N ASP C 77 11.60 -6.11 -21.01
CA ASP C 77 12.54 -5.94 -19.90
C ASP C 77 12.45 -4.51 -19.39
N LEU C 78 11.37 -4.29 -18.63
CA LEU C 78 11.12 -2.92 -18.20
C LEU C 78 12.23 -2.40 -17.30
N ARG C 79 12.76 -3.28 -16.46
CA ARG C 79 13.78 -2.80 -15.50
C ARG C 79 15.00 -2.29 -16.24
N ALA C 80 15.50 -3.04 -17.23
CA ALA C 80 16.63 -2.53 -18.01
C ALA C 80 16.26 -1.31 -18.83
N GLY C 81 15.05 -1.28 -19.37
CA GLY C 81 14.60 -0.24 -20.27
C GLY C 81 14.45 1.11 -19.62
N LEU C 82 14.10 1.15 -18.33
CA LEU C 82 13.74 2.36 -17.63
C LEU C 82 14.75 2.74 -16.56
N LEU C 83 15.93 2.13 -16.63
CA LEU C 83 16.95 2.37 -15.63
C LEU C 83 17.32 3.82 -15.49
N ASP C 84 17.48 4.55 -16.61
CA ASP C 84 17.85 5.95 -16.43
C ASP C 84 16.74 6.76 -15.78
N LEU C 85 15.50 6.46 -16.19
CA LEU C 85 14.33 7.11 -15.60
C LEU C 85 14.19 6.77 -14.11
N SER C 86 14.60 5.55 -13.76
CA SER C 86 14.57 5.21 -12.33
C SER C 86 15.61 6.00 -11.55
N GLU C 87 16.80 6.14 -12.12
CA GLU C 87 17.82 6.90 -11.36
C GLU C 87 17.34 8.31 -11.09
N GLN C 88 16.69 8.93 -12.10
CA GLN C 88 16.11 10.24 -11.90
C GLN C 88 15.01 10.26 -10.84
N HIS C 89 14.03 9.36 -10.93
CA HIS C 89 12.88 9.46 -10.04
C HIS C 89 13.15 8.88 -8.65
N ALA C 90 13.76 7.69 -8.62
CA ALA C 90 13.90 7.03 -7.31
C ALA C 90 15.09 7.54 -6.50
N TYR C 91 16.13 7.98 -7.23
CA TYR C 91 17.30 8.38 -6.44
C TYR C 91 17.43 9.89 -6.40
N LYS C 92 17.53 10.53 -7.58
CA LYS C 92 17.75 11.98 -7.49
C LYS C 92 16.55 12.74 -6.95
N LEU C 93 15.33 12.43 -7.35
CA LEU C 93 14.15 13.20 -6.96
C LEU C 93 13.48 12.63 -5.71
N ARG C 94 13.89 11.39 -5.40
CA ARG C 94 13.23 10.69 -4.28
C ARG C 94 11.70 10.78 -4.31
N VAL C 95 11.10 10.58 -5.48
CA VAL C 95 9.64 10.49 -5.56
C VAL C 95 9.15 9.35 -4.67
N ASP C 96 8.17 9.68 -3.84
CA ASP C 96 7.52 8.65 -3.04
C ASP C 96 6.85 7.61 -3.94
N PRO C 97 7.06 6.33 -3.75
CA PRO C 97 6.52 5.34 -4.67
C PRO C 97 5.00 5.29 -4.61
N ALA C 98 4.37 5.82 -3.57
CA ALA C 98 2.91 5.92 -3.58
C ALA C 98 2.46 6.77 -4.74
N ASN C 99 3.32 7.72 -5.15
CA ASN C 99 2.88 8.60 -6.23
C ASN C 99 2.92 7.91 -7.59
N PHE C 100 3.77 6.88 -7.76
CA PHE C 100 3.76 6.12 -9.01
C PHE C 100 2.39 5.47 -9.18
N LYS C 101 1.84 4.93 -8.09
CA LYS C 101 0.49 4.36 -8.13
C LYS C 101 -0.54 5.42 -8.51
N ILE C 102 -0.40 6.62 -7.99
CA ILE C 102 -1.34 7.70 -8.28
C ILE C 102 -1.27 8.06 -9.76
N LEU C 103 -0.08 8.25 -10.33
CA LEU C 103 -0.06 8.62 -11.77
C LEU C 103 -0.57 7.46 -12.61
N SER C 104 -0.24 6.22 -12.25
CA SER C 104 -0.72 5.06 -13.00
C SER C 104 -2.26 5.08 -13.01
N HIS C 105 -2.85 5.33 -11.85
CA HIS C 105 -4.33 5.37 -11.75
C HIS C 105 -4.88 6.49 -12.62
N CYS C 106 -4.20 7.64 -12.61
CA CYS C 106 -4.73 8.73 -13.45
C CYS C 106 -4.59 8.43 -14.92
N ILE C 107 -3.54 7.72 -15.34
CA ILE C 107 -3.45 7.31 -16.74
C ILE C 107 -4.59 6.38 -17.09
N LEU C 108 -4.90 5.45 -16.21
CA LEU C 108 -6.00 4.54 -16.53
C LEU C 108 -7.34 5.26 -16.58
N VAL C 109 -7.55 6.21 -15.68
CA VAL C 109 -8.81 6.98 -15.73
C VAL C 109 -8.96 7.72 -17.05
N VAL C 110 -7.88 8.35 -17.53
CA VAL C 110 -7.94 9.14 -18.76
C VAL C 110 -8.10 8.22 -19.96
N ILE C 111 -7.44 7.05 -19.99
CA ILE C 111 -7.64 6.16 -21.14
C ILE C 111 -9.07 5.64 -21.15
N SER C 112 -9.59 5.27 -19.98
CA SER C 112 -11.00 4.85 -19.86
C SER C 112 -11.95 5.92 -20.32
N MET C 113 -11.71 7.18 -19.94
CA MET C 113 -12.53 8.30 -20.38
C MET C 113 -12.50 8.51 -21.89
N MET C 114 -11.31 8.48 -22.49
CA MET C 114 -11.11 8.80 -23.89
C MET C 114 -11.40 7.66 -24.84
N PHE C 115 -11.18 6.44 -24.41
CA PHE C 115 -11.36 5.24 -25.22
C PHE C 115 -12.18 4.16 -24.52
N PRO C 116 -13.43 4.48 -24.16
CA PRO C 116 -14.25 3.54 -23.38
C PRO C 116 -14.44 2.22 -24.11
N LYS C 117 -14.51 2.23 -25.45
CA LYS C 117 -14.79 0.94 -26.08
C LYS C 117 -13.57 0.04 -26.07
N GLU C 118 -12.38 0.63 -26.20
CA GLU C 118 -11.11 -0.09 -26.23
C GLU C 118 -10.66 -0.56 -24.85
N PHE C 119 -11.09 0.22 -23.83
CA PHE C 119 -10.59 -0.08 -22.48
C PHE C 119 -11.52 -1.07 -21.80
N THR C 120 -11.44 -2.34 -22.26
CA THR C 120 -12.26 -3.41 -21.72
C THR C 120 -11.72 -3.84 -20.37
N PRO C 121 -12.44 -4.64 -19.59
CA PRO C 121 -11.89 -5.19 -18.35
C PRO C 121 -10.60 -5.95 -18.60
N GLU C 122 -10.47 -6.71 -19.71
CA GLU C 122 -9.23 -7.38 -20.00
C GLU C 122 -8.11 -6.44 -20.33
N ALA C 123 -8.41 -5.40 -21.10
CA ALA C 123 -7.38 -4.40 -21.37
C ALA C 123 -6.93 -3.73 -20.09
N HIS C 124 -7.88 -3.51 -19.18
CA HIS C 124 -7.58 -2.87 -17.90
C HIS C 124 -6.61 -3.73 -17.08
N VAL C 125 -6.90 -5.02 -16.95
CA VAL C 125 -5.99 -5.78 -16.06
C VAL C 125 -4.62 -5.87 -16.72
N SER C 126 -4.50 -6.04 -18.04
CA SER C 126 -3.17 -6.09 -18.63
C SER C 126 -2.42 -4.77 -18.53
N LEU C 127 -3.09 -3.65 -18.81
CA LEU C 127 -2.40 -2.37 -18.71
C LEU C 127 -2.08 -2.05 -17.25
N ASP C 128 -2.90 -2.46 -16.28
CA ASP C 128 -2.49 -2.22 -14.90
C ASP C 128 -1.29 -3.08 -14.53
N LYS C 129 -1.22 -4.32 -15.00
CA LYS C 129 -0.01 -5.11 -14.73
C LYS C 129 1.20 -4.42 -15.35
N PHE C 130 1.04 -3.86 -16.54
CA PHE C 130 2.09 -3.13 -17.23
C PHE C 130 2.51 -1.89 -16.43
N LEU C 131 1.56 -1.09 -15.94
CA LEU C 131 1.92 0.09 -15.16
C LEU C 131 2.53 -0.28 -13.81
N SER C 132 2.08 -1.38 -13.20
CA SER C 132 2.76 -1.89 -12.01
C SER C 132 4.19 -2.25 -12.34
N GLY C 133 4.44 -2.87 -13.47
CA GLY C 133 5.79 -3.22 -13.94
C GLY C 133 6.61 -1.96 -14.21
N VAL C 134 5.99 -0.95 -14.80
CA VAL C 134 6.69 0.33 -15.00
C VAL C 134 7.05 0.96 -13.66
N SER C 135 6.13 0.98 -12.70
CA SER C 135 6.36 1.58 -11.39
C SER C 135 7.46 0.84 -10.66
N LEU C 136 7.46 -0.50 -10.74
CA LEU C 136 8.53 -1.24 -10.07
C LEU C 136 9.85 -0.97 -10.76
N ALA C 137 9.86 -0.91 -12.10
CA ALA C 137 11.08 -0.53 -12.81
C ALA C 137 11.52 0.86 -12.37
N LEU C 138 10.61 1.82 -12.22
CA LEU C 138 11.07 3.14 -11.76
C LEU C 138 11.58 3.09 -10.32
N SER C 139 11.20 2.05 -9.57
CA SER C 139 11.64 1.95 -8.18
C SER C 139 12.99 1.26 -8.02
N GLU C 140 13.60 0.89 -9.14
CA GLU C 140 14.80 0.09 -9.11
C GLU C 140 15.93 0.77 -8.37
N ARG C 141 16.06 2.08 -8.45
CA ARG C 141 17.20 2.77 -7.83
C ARG C 141 16.94 3.43 -6.52
N TYR C 142 15.90 3.04 -5.79
CA TYR C 142 15.70 3.61 -4.47
C TYR C 142 16.75 3.18 -3.44
N ARG C 143 17.05 1.89 -3.43
CA ARG C 143 17.76 1.35 -2.24
C ARG C 143 18.48 0.04 -2.49
N VAL D 1 -15.35 16.90 7.63
CA VAL D 1 -15.13 17.36 6.25
C VAL D 1 -16.07 18.50 5.93
N GLU D 2 -15.57 19.62 5.36
CA GLU D 2 -16.61 20.63 5.06
C GLU D 2 -16.89 20.59 3.55
N TRP D 3 -18.06 21.05 3.14
CA TRP D 3 -18.37 21.05 1.71
C TRP D 3 -18.84 22.40 1.22
N THR D 4 -18.45 22.78 0.01
CA THR D 4 -19.09 23.95 -0.58
C THR D 4 -20.32 23.56 -1.37
N ASP D 5 -21.10 24.60 -1.68
CA ASP D 5 -22.34 24.37 -2.44
C ASP D 5 -22.04 23.71 -3.77
N GLN D 6 -20.95 24.15 -4.41
CA GLN D 6 -20.55 23.58 -5.70
C GLN D 6 -20.12 22.13 -5.53
N GLU D 7 -19.37 21.79 -4.49
CA GLU D 7 -19.00 20.38 -4.33
C GLU D 7 -20.23 19.50 -4.17
N ARG D 8 -21.23 20.01 -3.42
CA ARG D 8 -22.46 19.24 -3.21
C ARG D 8 -23.18 19.02 -4.52
N ALA D 9 -23.30 20.07 -5.33
CA ALA D 9 -23.95 19.98 -6.63
C ALA D 9 -23.23 19.01 -7.57
N THR D 10 -21.88 19.00 -7.47
CA THR D 10 -21.08 18.17 -8.34
C THR D 10 -21.27 16.70 -8.01
N ILE D 11 -21.18 16.40 -6.70
CA ILE D 11 -21.46 15.01 -6.34
C ILE D 11 -22.87 14.59 -6.73
N SER D 12 -23.86 15.45 -6.48
CA SER D 12 -25.22 15.13 -6.86
C SER D 12 -25.35 14.88 -8.36
N SER D 13 -24.68 15.68 -9.18
CA SER D 13 -24.74 15.53 -10.63
C SER D 13 -24.05 14.27 -11.11
N ILE D 14 -22.87 13.95 -10.56
CA ILE D 14 -22.18 12.75 -11.01
C ILE D 14 -23.06 11.53 -10.76
N PHE D 15 -23.55 11.36 -9.52
CA PHE D 15 -24.33 10.15 -9.21
C PHE D 15 -25.72 10.23 -9.84
N GLY D 16 -26.30 11.43 -9.94
CA GLY D 16 -27.61 11.62 -10.50
C GLY D 16 -27.71 11.20 -11.96
N SER D 17 -26.55 11.28 -12.63
CA SER D 17 -26.50 10.96 -14.04
C SER D 17 -26.27 9.48 -14.35
N LEU D 18 -25.96 8.70 -13.31
CA LEU D 18 -25.61 7.32 -13.53
C LEU D 18 -26.78 6.35 -13.45
N ASP D 19 -26.73 5.32 -14.31
CA ASP D 19 -27.65 4.17 -14.19
C ASP D 19 -27.02 3.18 -13.20
N TYR D 20 -27.49 3.13 -11.96
CA TYR D 20 -26.81 2.25 -11.01
C TYR D 20 -26.84 0.79 -11.45
N ASP D 21 -27.84 0.40 -12.25
CA ASP D 21 -27.90 -0.96 -12.73
C ASP D 21 -26.82 -1.28 -13.76
N ASP D 22 -26.23 -0.23 -14.37
CA ASP D 22 -25.15 -0.39 -15.34
C ASP D 22 -23.80 -0.25 -14.64
N ILE D 23 -23.65 0.83 -13.89
CA ILE D 23 -22.36 1.14 -13.25
C ILE D 23 -22.01 0.19 -12.12
N GLY D 24 -22.95 -0.18 -11.25
CA GLY D 24 -22.62 -1.04 -10.13
C GLY D 24 -21.95 -2.35 -10.53
N PRO D 25 -22.59 -3.11 -11.42
CA PRO D 25 -21.95 -4.37 -11.79
C PRO D 25 -20.61 -4.16 -12.47
N LYS D 26 -20.41 -3.09 -13.24
CA LYS D 26 -19.11 -2.90 -13.90
C LYS D 26 -18.02 -2.58 -12.87
N ALA D 27 -18.34 -1.71 -11.93
CA ALA D 27 -17.33 -1.32 -10.94
C ALA D 27 -16.87 -2.51 -10.11
N LEU D 28 -17.85 -3.28 -9.63
CA LEU D 28 -17.51 -4.44 -8.79
C LEU D 28 -16.85 -5.55 -9.61
N SER D 29 -17.33 -5.81 -10.84
CA SER D 29 -16.69 -6.83 -11.69
C SER D 29 -15.24 -6.47 -11.93
N ARG D 30 -14.97 -5.19 -12.23
CA ARG D 30 -13.59 -4.77 -12.47
C ARG D 30 -12.74 -4.94 -11.24
N CYS D 31 -13.24 -4.68 -10.05
CA CYS D 31 -12.45 -4.89 -8.84
C CYS D 31 -12.13 -6.37 -8.70
N LEU D 32 -13.12 -7.24 -8.92
CA LEU D 32 -12.87 -8.68 -8.79
C LEU D 32 -11.91 -9.22 -9.84
N ILE D 33 -11.83 -8.56 -11.00
CA ILE D 33 -10.92 -9.02 -12.05
C ILE D 33 -9.53 -8.46 -11.86
N VAL D 34 -9.42 -7.14 -11.66
CA VAL D 34 -8.12 -6.46 -11.58
C VAL D 34 -7.42 -6.68 -10.26
N TYR D 35 -8.16 -6.93 -9.19
CA TYR D 35 -7.63 -7.16 -7.84
C TYR D 35 -8.20 -8.47 -7.32
N PRO D 36 -7.86 -9.60 -7.96
CA PRO D 36 -8.65 -10.84 -7.77
C PRO D 36 -8.55 -11.46 -6.39
N TRP D 37 -7.64 -11.02 -5.49
CA TRP D 37 -7.72 -11.57 -4.14
C TRP D 37 -9.04 -11.16 -3.51
N THR D 38 -9.68 -10.07 -3.99
CA THR D 38 -10.92 -9.66 -3.36
C THR D 38 -12.01 -10.72 -3.56
N GLN D 39 -11.87 -11.64 -4.51
CA GLN D 39 -12.77 -12.76 -4.70
C GLN D 39 -12.87 -13.63 -3.44
N ARG D 40 -11.83 -13.58 -2.57
CA ARG D 40 -11.92 -14.43 -1.39
C ARG D 40 -13.12 -14.02 -0.53
N HIS D 41 -13.58 -12.76 -0.65
CA HIS D 41 -14.69 -12.33 0.22
C HIS D 41 -16.06 -12.60 -0.39
N PHE D 42 -16.09 -13.20 -1.59
CA PHE D 42 -17.35 -13.42 -2.30
C PHE D 42 -17.63 -14.89 -2.50
N GLY D 43 -17.38 -15.72 -1.48
CA GLY D 43 -17.42 -17.17 -1.64
C GLY D 43 -18.79 -17.73 -1.88
N SER D 44 -19.83 -17.01 -1.46
CA SER D 44 -21.17 -17.48 -1.74
C SER D 44 -21.73 -16.85 -3.00
N PHE D 45 -20.90 -16.27 -3.87
CA PHE D 45 -21.51 -15.56 -4.97
C PHE D 45 -21.40 -16.26 -6.31
N GLY D 46 -21.01 -17.53 -6.35
CA GLY D 46 -21.04 -18.18 -7.63
C GLY D 46 -19.72 -18.14 -8.37
N ASN D 47 -19.83 -18.14 -9.69
CA ASN D 47 -18.65 -18.32 -10.52
C ASN D 47 -17.82 -17.04 -10.61
N LEU D 48 -16.57 -17.13 -10.18
CA LEU D 48 -15.63 -16.02 -10.29
C LEU D 48 -14.38 -16.51 -11.04
N TYR D 49 -14.51 -17.54 -11.87
CA TYR D 49 -13.35 -18.21 -12.46
C TYR D 49 -12.50 -17.28 -13.30
N ASN D 50 -13.11 -16.42 -14.12
CA ASN D 50 -12.38 -15.56 -15.04
C ASN D 50 -13.19 -14.32 -15.36
N ALA D 51 -12.68 -13.42 -16.20
CA ALA D 51 -13.39 -12.16 -16.45
C ALA D 51 -14.76 -12.39 -17.04
N GLU D 52 -14.84 -13.34 -18.02
CA GLU D 52 -16.15 -13.60 -18.59
C GLU D 52 -17.16 -14.04 -17.53
N ALA D 53 -16.71 -14.93 -16.66
CA ALA D 53 -17.59 -15.44 -15.59
C ALA D 53 -18.07 -14.32 -14.69
N ILE D 54 -17.10 -13.49 -14.27
CA ILE D 54 -17.49 -12.43 -13.30
C ILE D 54 -18.48 -11.46 -13.93
N ILE D 55 -18.19 -11.07 -15.17
CA ILE D 55 -19.05 -10.08 -15.84
C ILE D 55 -20.41 -10.70 -16.12
N GLY D 56 -20.50 -12.02 -16.28
CA GLY D 56 -21.80 -12.61 -16.51
C GLY D 56 -22.55 -12.95 -15.23
N ASN D 57 -21.91 -12.81 -14.08
CA ASN D 57 -22.46 -13.26 -12.80
C ASN D 57 -23.49 -12.27 -12.26
N GLN D 58 -24.75 -12.70 -12.21
CA GLN D 58 -25.80 -11.77 -11.76
C GLN D 58 -25.83 -11.58 -10.26
N LYS D 59 -25.25 -12.49 -9.47
CA LYS D 59 -25.18 -12.25 -8.03
C LYS D 59 -24.19 -11.11 -7.76
N VAL D 60 -23.06 -11.14 -8.49
CA VAL D 60 -22.08 -10.07 -8.40
C VAL D 60 -22.70 -8.77 -8.89
N ALA D 61 -23.42 -8.87 -10.01
CA ALA D 61 -24.05 -7.66 -10.54
C ALA D 61 -25.01 -7.04 -9.53
N ALA D 62 -25.90 -7.84 -8.97
CA ALA D 62 -26.82 -7.33 -7.98
C ALA D 62 -26.10 -6.69 -6.80
N HIS D 63 -24.97 -7.29 -6.38
CA HIS D 63 -24.22 -6.72 -5.26
C HIS D 63 -23.61 -5.37 -5.60
N GLY D 64 -23.06 -5.24 -6.81
CA GLY D 64 -22.53 -3.95 -7.28
C GLY D 64 -23.60 -2.85 -7.27
N ILE D 65 -24.83 -3.18 -7.61
CA ILE D 65 -25.96 -2.24 -7.59
C ILE D 65 -26.21 -1.82 -6.14
N LYS D 66 -26.19 -2.76 -5.20
CA LYS D 66 -26.33 -2.49 -3.78
C LYS D 66 -25.23 -1.56 -3.28
N VAL D 67 -24.01 -1.76 -3.75
CA VAL D 67 -22.94 -0.82 -3.40
C VAL D 67 -23.28 0.61 -3.80
N LEU D 68 -23.77 0.80 -5.04
CA LEU D 68 -24.09 2.16 -5.49
C LEU D 68 -25.25 2.72 -4.67
N HIS D 69 -26.26 1.89 -4.35
CA HIS D 69 -27.30 2.43 -3.49
C HIS D 69 -26.75 2.82 -2.15
N GLY D 70 -25.77 2.08 -1.64
CA GLY D 70 -25.13 2.43 -0.39
C GLY D 70 -24.39 3.76 -0.46
N LEU D 71 -23.74 4.03 -1.60
CA LEU D 71 -23.06 5.30 -1.79
C LEU D 71 -24.08 6.42 -1.88
N ASP D 72 -25.25 6.09 -2.42
CA ASP D 72 -26.31 7.08 -2.58
C ASP D 72 -26.67 7.68 -1.23
N ARG D 73 -26.58 6.87 -0.18
CA ARG D 73 -26.90 7.30 1.16
C ARG D 73 -25.95 8.43 1.55
N ALA D 74 -24.67 8.30 1.27
CA ALA D 74 -23.71 9.38 1.54
C ALA D 74 -23.96 10.58 0.64
N VAL D 75 -24.35 10.37 -0.62
CA VAL D 75 -24.63 11.51 -1.50
C VAL D 75 -25.74 12.36 -0.89
N LYS D 76 -26.71 11.69 -0.27
CA LYS D 76 -27.88 12.40 0.25
C LYS D 76 -27.71 12.87 1.68
N ASN D 77 -26.58 12.53 2.28
CA ASN D 77 -26.26 13.03 3.62
C ASN D 77 -24.77 13.29 3.76
N MET D 78 -24.27 14.23 2.96
CA MET D 78 -22.82 14.40 2.86
C MET D 78 -22.18 14.89 4.14
N ASP D 79 -22.94 15.45 5.08
CA ASP D 79 -22.33 15.78 6.37
C ASP D 79 -22.40 14.68 7.42
N ASN D 80 -22.96 13.51 7.14
CA ASN D 80 -23.15 12.47 8.16
C ASN D 80 -22.54 11.14 7.76
N ILE D 81 -21.51 11.16 6.90
CA ILE D 81 -21.02 9.93 6.27
C ILE D 81 -20.39 8.99 7.28
N LYS D 82 -19.61 9.53 8.21
CA LYS D 82 -19.01 8.60 9.19
C LYS D 82 -20.08 7.84 9.95
N GLU D 83 -21.15 8.57 10.31
CA GLU D 83 -22.20 7.93 11.11
C GLU D 83 -23.00 6.93 10.32
N ILE D 84 -23.31 7.30 9.09
CA ILE D 84 -24.15 6.43 8.28
C ILE D 84 -23.44 5.16 7.87
N TYR D 85 -22.12 5.12 7.78
CA TYR D 85 -21.45 3.87 7.46
C TYR D 85 -20.89 3.12 8.66
N ALA D 86 -21.22 3.48 9.89
CA ALA D 86 -20.66 2.72 11.01
C ALA D 86 -21.03 1.25 10.96
N GLU D 87 -22.29 0.92 10.63
CA GLU D 87 -22.67 -0.50 10.55
C GLU D 87 -21.95 -1.19 9.41
N LEU D 88 -21.85 -0.50 8.27
CA LEU D 88 -21.14 -1.11 7.13
C LEU D 88 -19.67 -1.34 7.42
N SER D 89 -19.05 -0.46 8.21
CA SER D 89 -17.65 -0.67 8.61
C SER D 89 -17.50 -1.96 9.40
N ILE D 90 -18.43 -2.13 10.38
CA ILE D 90 -18.41 -3.39 11.12
C ILE D 90 -18.64 -4.60 10.27
N LEU D 91 -19.54 -4.51 9.29
CA LEU D 91 -19.79 -5.63 8.37
C LEU D 91 -18.50 -6.03 7.66
N HIS D 92 -17.78 -5.03 7.12
CA HIS D 92 -16.59 -5.34 6.34
C HIS D 92 -15.45 -5.80 7.22
N SER D 93 -15.41 -5.32 8.47
CA SER D 93 -14.32 -5.79 9.33
C SER D 93 -14.60 -7.14 9.99
N GLU D 94 -15.79 -7.28 10.55
CA GLU D 94 -16.06 -8.45 11.40
C GLU D 94 -16.66 -9.62 10.67
N LYS D 95 -17.41 -9.39 9.59
CA LYS D 95 -17.82 -10.59 8.85
C LYS D 95 -16.73 -11.05 7.92
N LEU D 96 -16.16 -10.11 7.16
CA LEU D 96 -15.34 -10.38 6.00
C LEU D 96 -13.86 -10.27 6.32
N HIS D 97 -13.52 -9.49 7.36
CA HIS D 97 -12.11 -9.26 7.63
C HIS D 97 -11.38 -8.73 6.41
N VAL D 98 -11.97 -7.79 5.65
CA VAL D 98 -11.33 -7.20 4.48
C VAL D 98 -10.29 -6.12 4.87
N ASP D 99 -9.09 -6.24 4.31
CA ASP D 99 -8.06 -5.23 4.58
C ASP D 99 -8.53 -3.87 4.07
N PRO D 100 -8.58 -2.84 4.87
CA PRO D 100 -9.07 -1.53 4.39
C PRO D 100 -8.36 -1.01 3.15
N ASP D 101 -7.16 -1.51 2.83
CA ASP D 101 -6.51 -1.05 1.60
C ASP D 101 -7.40 -1.36 0.40
N ASN D 102 -8.19 -2.42 0.51
CA ASN D 102 -9.02 -2.75 -0.64
C ASN D 102 -10.15 -1.78 -0.88
N PHE D 103 -10.58 -0.99 0.11
CA PHE D 103 -11.66 -0.03 -0.15
C PHE D 103 -11.19 0.98 -1.19
N LYS D 104 -9.92 1.37 -1.14
CA LYS D 104 -9.43 2.34 -2.12
C LYS D 104 -9.45 1.72 -3.51
N LEU D 105 -9.21 0.41 -3.59
CA LEU D 105 -9.14 -0.25 -4.89
C LEU D 105 -10.51 -0.33 -5.53
N LEU D 106 -11.56 -0.64 -4.75
CA LEU D 106 -12.90 -0.62 -5.34
C LEU D 106 -13.26 0.81 -5.71
N ALA D 107 -12.96 1.80 -4.88
CA ALA D 107 -13.19 3.19 -5.27
C ALA D 107 -12.47 3.54 -6.56
N ASP D 108 -11.22 3.11 -6.71
CA ASP D 108 -10.50 3.39 -7.95
C ASP D 108 -11.18 2.77 -9.17
N CYS D 109 -11.66 1.54 -9.02
CA CYS D 109 -12.41 0.90 -10.10
C CYS D 109 -13.69 1.65 -10.44
N LEU D 110 -14.37 2.13 -9.40
CA LEU D 110 -15.55 2.96 -9.65
C LEU D 110 -15.17 4.20 -10.43
N THR D 111 -14.10 4.88 -10.02
CA THR D 111 -13.73 6.07 -10.76
C THR D 111 -13.45 5.77 -12.21
N ILE D 112 -12.78 4.66 -12.50
CA ILE D 112 -12.47 4.33 -13.89
C ILE D 112 -13.74 4.07 -14.68
N VAL D 113 -14.69 3.35 -14.11
CA VAL D 113 -15.95 3.09 -14.86
C VAL D 113 -16.79 4.33 -14.99
N VAL D 114 -16.84 5.18 -13.94
CA VAL D 114 -17.52 6.48 -14.07
C VAL D 114 -16.88 7.33 -15.15
N ALA D 115 -15.56 7.41 -15.21
CA ALA D 115 -14.89 8.20 -16.22
C ALA D 115 -15.30 7.72 -17.60
N ALA D 116 -15.33 6.40 -17.81
CA ALA D 116 -15.72 5.94 -19.15
C ALA D 116 -17.16 6.29 -19.48
N LYS D 117 -18.02 6.24 -18.48
CA LYS D 117 -19.44 6.52 -18.73
C LYS D 117 -19.65 8.01 -18.95
N MET D 118 -18.99 8.86 -18.17
CA MET D 118 -19.26 10.28 -18.11
C MET D 118 -18.53 11.04 -19.19
N GLY D 119 -17.41 10.50 -19.70
CA GLY D 119 -16.70 11.25 -20.74
C GLY D 119 -16.01 12.51 -20.20
N SER D 120 -15.72 13.43 -21.13
CA SER D 120 -14.92 14.60 -20.75
C SER D 120 -15.58 15.53 -19.74
N GLY D 121 -16.88 15.41 -19.53
CA GLY D 121 -17.55 16.13 -18.45
C GLY D 121 -16.96 15.72 -17.10
N PHE D 122 -16.33 14.53 -17.04
CA PHE D 122 -15.59 14.12 -15.81
C PHE D 122 -14.25 14.82 -15.89
N ASN D 123 -14.25 16.13 -15.79
CA ASN D 123 -13.02 16.94 -15.97
C ASN D 123 -12.16 16.84 -14.72
N PRO D 124 -10.93 17.33 -14.73
CA PRO D 124 -10.09 17.15 -13.54
C PRO D 124 -10.68 17.69 -12.24
N GLY D 125 -11.33 18.84 -12.25
CA GLY D 125 -11.90 19.37 -11.02
C GLY D 125 -13.08 18.55 -10.53
N THR D 126 -13.85 17.99 -11.47
CA THR D 126 -14.93 17.07 -11.10
C THR D 126 -14.36 15.80 -10.49
N GLN D 127 -13.28 15.26 -11.09
CA GLN D 127 -12.61 14.10 -10.46
C GLN D 127 -12.05 14.46 -9.10
N ALA D 128 -11.56 15.70 -8.94
CA ALA D 128 -11.01 16.01 -7.60
C ALA D 128 -12.07 15.99 -6.51
N THR D 129 -13.24 16.54 -6.84
CA THR D 129 -14.36 16.50 -5.87
C THR D 129 -14.85 15.09 -5.62
N PHE D 130 -14.97 14.31 -6.70
CA PHE D 130 -15.37 12.91 -6.53
C PHE D 130 -14.40 12.12 -5.67
N GLN D 131 -13.09 12.28 -5.87
CA GLN D 131 -12.09 11.57 -5.05
C GLN D 131 -12.20 12.06 -3.62
N LYS D 132 -12.43 13.35 -3.40
CA LYS D 132 -12.60 13.81 -2.03
C LYS D 132 -13.74 13.09 -1.33
N PHE D 133 -14.89 13.03 -2.01
CA PHE D 133 -16.04 12.31 -1.48
C PHE D 133 -15.69 10.86 -1.21
N LEU D 134 -15.05 10.20 -2.18
CA LEU D 134 -14.74 8.76 -2.01
C LEU D 134 -13.75 8.58 -0.87
N ALA D 135 -12.82 9.49 -0.66
CA ALA D 135 -11.92 9.39 0.49
C ALA D 135 -12.65 9.49 1.82
N VAL D 136 -13.62 10.39 1.90
CA VAL D 136 -14.42 10.44 3.14
C VAL D 136 -15.15 9.15 3.37
N VAL D 137 -15.70 8.58 2.29
CA VAL D 137 -16.39 7.30 2.38
C VAL D 137 -15.43 6.19 2.78
N VAL D 138 -14.28 6.06 2.14
CA VAL D 138 -13.32 5.02 2.51
C VAL D 138 -12.84 5.17 3.95
N SER D 139 -12.64 6.41 4.42
CA SER D 139 -12.22 6.64 5.81
C SER D 139 -13.35 6.23 6.75
N ALA D 140 -14.59 6.56 6.44
CA ALA D 140 -15.71 6.11 7.27
C ALA D 140 -15.78 4.58 7.32
N LEU D 141 -15.51 3.87 6.23
CA LEU D 141 -15.56 2.41 6.19
C LEU D 141 -14.43 1.75 6.97
N GLY D 142 -13.30 2.40 7.18
CA GLY D 142 -12.28 1.72 7.99
C GLY D 142 -12.31 2.15 9.43
N LYS D 143 -13.29 3.00 9.79
CA LYS D 143 -13.17 3.56 11.14
C LYS D 143 -13.35 2.51 12.22
N GLN D 144 -14.26 1.56 12.02
CA GLN D 144 -14.58 0.55 13.02
C GLN D 144 -13.55 -0.57 13.06
N TYR D 145 -12.47 -0.39 12.32
CA TYR D 145 -11.38 -1.36 12.28
C TYR D 145 -10.45 -1.15 13.48
#